data_8JA4
#
_entry.id   8JA4
#
_cell.length_a   122.520
_cell.length_b   122.520
_cell.length_c   119.800
_cell.angle_alpha   90.000
_cell.angle_beta   90.000
_cell.angle_gamma   120.000
#
_symmetry.space_group_name_H-M   'H 3'
#
loop_
_entity.id
_entity.type
_entity.pdbx_description
1 polymer 'mannuronan 5-epimerase'
2 non-polymer 'CALCIUM ION'
3 non-polymer DI(HYDROXYETHYL)ETHER
4 non-polymer 'TRIETHYLENE GLYCOL'
5 water water
#
_entity_poly.entity_id   1
_entity_poly.type   'polypeptide(L)'
_entity_poly.pdbx_seq_one_letter_code
;MDFDVKDFGAKGDGKSDDTEAIQAAIDAAYEAGGGTVRLSAGEYRVSGGDEASDGALMIKSNVYMDGAGMGETVIKLVDG
WDQKLTGIIRSKNGEKTHDYGIRDLTLDGNQDNTEGEVDGFYTGYIPREDGADYNVTAERVEIREVSRYGFDPHEQTINL
TIRDSVAHNNGKDGFVGDFQIDSTFENNVSHDNGRHGFNIVTSSHDILLRDNVAYGNGANGLVVQRGSEDIAHPYNIQIE
GGAYHDNGAEGVLIKMTSNASLQGAEIYGNDAAGVRVRGVDGMQLLDNDIHDNAQGGGKAEIVLEDYDDRDGVSGNYYET
LNATVQGNRVAGAAQLLSSEGRDLLDGAAGNDLLDGGAGRDTLSGGGGADTFRFADRQDSFRNYEGDTSRVDDIVDFTPG
ADLIDLSGLGYSGLGDGYNGTLALLLNEDGTKTYLKDRQADAQGNHFEIALDGNLVDSLSATDIAFDATQLELLGTTDLQ
TDQVALEHHHHHH
;
_entity_poly.pdbx_strand_id   A
#
# COMPACT_ATOMS: atom_id res chain seq x y z
N MET A 1 -38.69 8.71 0.71
CA MET A 1 -39.45 7.44 0.81
C MET A 1 -38.90 6.42 -0.18
N ASP A 2 -39.78 5.76 -0.93
CA ASP A 2 -39.36 4.71 -1.87
C ASP A 2 -39.86 4.96 -3.30
N PHE A 3 -39.00 4.68 -4.28
CA PHE A 3 -39.37 4.79 -5.70
C PHE A 3 -38.94 3.54 -6.43
N ASP A 4 -39.92 2.76 -6.90
CA ASP A 4 -39.65 1.56 -7.68
CA ASP A 4 -39.62 1.56 -7.68
C ASP A 4 -39.46 1.94 -9.15
N VAL A 5 -38.35 1.48 -9.74
CA VAL A 5 -38.03 1.81 -11.13
C VAL A 5 -39.12 1.32 -12.07
N LYS A 6 -39.75 0.19 -11.75
CA LYS A 6 -40.80 -0.33 -12.61
C LYS A 6 -41.93 0.68 -12.76
N ASP A 7 -42.28 1.39 -11.68
CA ASP A 7 -43.33 2.42 -11.72
C ASP A 7 -42.96 3.61 -12.61
N PHE A 8 -41.73 3.64 -13.14
CA PHE A 8 -41.30 4.67 -14.09
C PHE A 8 -41.01 4.10 -15.48
N GLY A 9 -41.37 2.84 -15.72
CA GLY A 9 -41.26 2.23 -17.03
C GLY A 9 -40.09 1.30 -17.20
N ALA A 10 -39.30 1.09 -16.16
CA ALA A 10 -38.13 0.22 -16.31
C ALA A 10 -38.60 -1.23 -16.46
N LYS A 11 -38.09 -1.90 -17.49
CA LYS A 11 -38.54 -3.25 -17.72
C LYS A 11 -37.71 -4.28 -16.96
N GLY A 12 -36.41 -4.07 -16.86
CA GLY A 12 -35.57 -5.09 -16.21
C GLY A 12 -35.58 -6.41 -16.94
N ASP A 13 -35.63 -6.38 -18.27
CA ASP A 13 -35.76 -7.57 -19.10
C ASP A 13 -34.48 -7.98 -19.83
N GLY A 14 -33.36 -7.31 -19.60
CA GLY A 14 -32.16 -7.66 -20.34
C GLY A 14 -32.13 -7.22 -21.78
N LYS A 15 -33.18 -6.60 -22.28
CA LYS A 15 -33.18 -6.12 -23.66
C LYS A 15 -33.64 -4.68 -23.82
N SER A 16 -34.66 -4.24 -23.09
CA SER A 16 -35.04 -2.84 -23.19
C SER A 16 -33.97 -1.95 -22.55
N ASP A 17 -33.85 -0.73 -23.07
CA ASP A 17 -32.94 0.28 -22.55
C ASP A 17 -33.68 1.02 -21.43
N ASP A 18 -33.32 0.69 -20.19
CA ASP A 18 -34.02 1.19 -19.02
C ASP A 18 -33.43 2.49 -18.48
N THR A 19 -32.51 3.13 -19.22
CA THR A 19 -31.71 4.23 -18.68
C THR A 19 -32.60 5.38 -18.23
N GLU A 20 -33.51 5.79 -19.11
CA GLU A 20 -34.37 6.93 -18.88
C GLU A 20 -35.35 6.66 -17.75
N ALA A 21 -35.78 5.41 -17.61
CA ALA A 21 -36.70 5.02 -16.55
C ALA A 21 -36.03 5.07 -15.18
N ILE A 22 -34.84 4.44 -15.06
CA ILE A 22 -34.13 4.50 -13.80
C ILE A 22 -33.75 5.94 -13.46
N GLN A 23 -33.28 6.70 -14.47
CA GLN A 23 -32.97 8.11 -14.25
C GLN A 23 -34.21 8.89 -13.80
N ALA A 24 -35.38 8.55 -14.35
CA ALA A 24 -36.59 9.21 -13.90
C ALA A 24 -36.83 8.94 -12.42
N ALA A 25 -36.68 7.68 -12.00
CA ALA A 25 -36.81 7.35 -10.58
C ALA A 25 -35.84 8.15 -9.72
N ILE A 26 -34.60 8.32 -10.20
CA ILE A 26 -33.60 9.09 -9.45
C ILE A 26 -34.01 10.56 -9.35
N ASP A 27 -34.45 11.15 -10.46
CA ASP A 27 -34.77 12.57 -10.46
C ASP A 27 -35.98 12.84 -9.56
N ALA A 28 -36.97 11.94 -9.58
CA ALA A 28 -38.12 12.07 -8.68
C ALA A 28 -37.69 12.00 -7.22
N ALA A 29 -36.77 11.06 -6.90
CA ALA A 29 -36.31 10.94 -5.51
C ALA A 29 -35.55 12.18 -5.08
N TYR A 30 -34.75 12.75 -5.99
CA TYR A 30 -34.00 13.96 -5.67
C TYR A 30 -34.93 15.16 -5.50
N GLU A 31 -35.98 15.26 -6.33
CA GLU A 31 -36.87 16.43 -6.27
C GLU A 31 -37.72 16.42 -5.01
N ALA A 32 -38.10 15.24 -4.53
CA ALA A 32 -38.74 15.14 -3.23
C ALA A 32 -37.79 15.47 -2.08
N GLY A 33 -36.51 15.70 -2.35
CA GLY A 33 -35.55 16.06 -1.33
C GLY A 33 -34.72 14.90 -0.79
N GLY A 34 -34.75 13.76 -1.46
CA GLY A 34 -34.08 12.56 -1.00
C GLY A 34 -35.03 11.39 -0.99
N GLY A 35 -34.49 10.20 -1.24
CA GLY A 35 -35.30 9.00 -1.23
C GLY A 35 -34.51 7.79 -1.67
N THR A 36 -35.16 6.64 -1.58
CA THR A 36 -34.55 5.38 -2.00
C THR A 36 -35.14 4.97 -3.35
N VAL A 37 -34.30 4.94 -4.38
CA VAL A 37 -34.65 4.33 -5.65
C VAL A 37 -34.49 2.83 -5.53
N ARG A 38 -35.58 2.10 -5.71
CA ARG A 38 -35.65 0.68 -5.42
C ARG A 38 -35.74 -0.11 -6.73
N LEU A 39 -34.92 -1.16 -6.85
CA LEU A 39 -34.92 -2.00 -8.05
C LEU A 39 -35.13 -3.46 -7.66
N SER A 40 -36.20 -4.07 -8.19
CA SER A 40 -36.43 -5.48 -7.98
CA SER A 40 -36.46 -5.48 -8.01
C SER A 40 -35.46 -6.32 -8.82
N ALA A 41 -35.41 -7.62 -8.54
CA ALA A 41 -34.51 -8.49 -9.29
C ALA A 41 -34.79 -8.38 -10.79
N GLY A 42 -33.73 -8.50 -11.57
CA GLY A 42 -33.79 -8.37 -13.02
C GLY A 42 -32.47 -7.82 -13.55
N GLU A 43 -32.31 -7.89 -14.87
CA GLU A 43 -31.22 -7.26 -15.58
C GLU A 43 -31.74 -6.03 -16.31
N TYR A 44 -31.21 -4.87 -15.95
CA TYR A 44 -31.58 -3.59 -16.55
C TYR A 44 -30.47 -3.15 -17.49
N ARG A 45 -30.77 -3.04 -18.78
CA ARG A 45 -29.78 -2.52 -19.72
C ARG A 45 -29.77 -1.00 -19.67
N VAL A 46 -28.58 -0.43 -19.73
CA VAL A 46 -28.39 1.00 -19.73
C VAL A 46 -27.38 1.39 -20.81
N SER A 47 -27.44 2.66 -21.20
CA SER A 47 -26.60 3.21 -22.25
C SER A 47 -26.13 4.58 -21.81
N GLY A 48 -25.12 5.08 -22.53
CA GLY A 48 -24.44 6.30 -22.18
C GLY A 48 -25.05 7.47 -22.91
N GLY A 49 -24.46 8.64 -22.67
CA GLY A 49 -24.90 9.84 -23.35
C GLY A 49 -23.93 10.30 -24.43
N ASP A 50 -23.92 11.60 -24.66
CA ASP A 50 -23.15 12.18 -25.75
C ASP A 50 -21.67 12.20 -25.46
N GLU A 51 -21.38 12.10 -24.11
CA GLU A 51 -19.99 12.23 -23.74
C GLU A 51 -19.65 11.31 -22.58
N ALA A 52 -18.32 11.02 -22.51
CA ALA A 52 -17.87 10.11 -21.46
C ALA A 52 -18.32 10.58 -20.08
N SER A 53 -18.21 11.88 -19.81
CA SER A 53 -18.50 12.43 -18.48
C SER A 53 -19.99 12.41 -18.14
N ASP A 54 -20.85 12.06 -19.09
CA ASP A 54 -22.26 11.78 -18.79
C ASP A 54 -22.44 10.43 -18.13
N GLY A 55 -21.51 9.49 -18.31
CA GLY A 55 -21.74 8.20 -17.68
C GLY A 55 -22.98 7.53 -18.24
N ALA A 56 -23.65 6.71 -17.43
CA ALA A 56 -24.94 6.15 -17.83
C ALA A 56 -26.08 6.68 -16.97
N LEU A 57 -26.01 6.49 -15.65
CA LEU A 57 -27.00 7.00 -14.71
C LEU A 57 -26.34 8.03 -13.80
N MET A 58 -27.07 9.09 -13.51
CA MET A 58 -26.56 10.21 -12.71
C MET A 58 -27.23 10.13 -11.36
N ILE A 59 -26.49 9.73 -10.32
CA ILE A 59 -27.07 9.71 -9.00
C ILE A 59 -26.89 11.10 -8.42
N LYS A 60 -27.77 11.47 -7.49
CA LYS A 60 -27.91 12.84 -7.04
C LYS A 60 -27.97 12.88 -5.53
N SER A 61 -27.82 14.09 -5.00
CA SER A 61 -27.77 14.29 -3.56
C SER A 61 -29.02 13.73 -2.88
N ASN A 62 -28.79 12.98 -1.80
CA ASN A 62 -29.80 12.40 -0.90
C ASN A 62 -30.57 11.27 -1.55
N VAL A 63 -30.06 10.71 -2.66
CA VAL A 63 -30.67 9.58 -3.34
C VAL A 63 -29.81 8.34 -3.08
N TYR A 64 -30.42 7.29 -2.55
CA TYR A 64 -29.76 5.99 -2.43
C TYR A 64 -30.45 4.98 -3.35
N MET A 65 -29.68 4.09 -4.00
CA MET A 65 -30.26 3.06 -4.86
C MET A 65 -30.07 1.70 -4.20
N ASP A 66 -31.18 1.00 -4.00
CA ASP A 66 -31.13 -0.31 -3.33
C ASP A 66 -31.69 -1.39 -4.27
N GLY A 67 -30.85 -2.36 -4.60
CA GLY A 67 -31.27 -3.48 -5.42
C GLY A 67 -31.79 -4.62 -4.57
N ALA A 68 -31.93 -5.78 -5.20
CA ALA A 68 -32.40 -6.99 -4.54
C ALA A 68 -31.26 -7.92 -4.13
N GLY A 69 -30.01 -7.48 -4.25
CA GLY A 69 -28.89 -8.31 -3.85
C GLY A 69 -27.91 -8.39 -5.00
N MET A 70 -26.62 -8.57 -4.66
CA MET A 70 -25.64 -8.80 -5.71
C MET A 70 -26.07 -10.02 -6.50
N GLY A 71 -25.85 -9.99 -7.81
CA GLY A 71 -26.25 -11.09 -8.66
C GLY A 71 -27.72 -11.13 -9.00
N GLU A 72 -28.59 -10.50 -8.20
CA GLU A 72 -30.04 -10.51 -8.38
C GLU A 72 -30.56 -9.28 -9.12
N THR A 73 -30.12 -8.07 -8.71
CA THR A 73 -30.28 -6.86 -9.51
C THR A 73 -28.97 -6.62 -10.24
N VAL A 74 -29.01 -6.65 -11.57
CA VAL A 74 -27.84 -6.39 -12.40
C VAL A 74 -28.17 -5.22 -13.32
N ILE A 75 -27.40 -4.13 -13.18
CA ILE A 75 -27.41 -3.07 -14.18
C ILE A 75 -26.27 -3.30 -15.16
N LYS A 76 -26.60 -3.51 -16.43
CA LYS A 76 -25.63 -3.96 -17.42
C LYS A 76 -25.64 -3.03 -18.62
N LEU A 77 -24.45 -2.75 -19.15
CA LEU A 77 -24.34 -1.88 -20.32
C LEU A 77 -24.85 -2.61 -21.56
N VAL A 78 -25.57 -1.88 -22.44
CA VAL A 78 -26.12 -2.49 -23.64
C VAL A 78 -25.02 -3.07 -24.52
N ASP A 79 -25.41 -4.03 -25.34
CA ASP A 79 -24.53 -4.52 -26.41
C ASP A 79 -24.31 -3.44 -27.45
N GLY A 80 -23.08 -3.34 -27.94
CA GLY A 80 -22.79 -2.47 -29.04
C GLY A 80 -22.26 -1.11 -28.66
N TRP A 81 -22.30 -0.74 -27.39
CA TRP A 81 -21.81 0.58 -27.00
C TRP A 81 -20.34 0.73 -27.40
N ASP A 82 -20.01 1.88 -27.99
CA ASP A 82 -18.68 2.08 -28.58
C ASP A 82 -18.12 3.47 -28.25
N GLN A 83 -18.46 3.93 -27.06
CA GLN A 83 -17.94 5.24 -26.63
C GLN A 83 -17.44 5.15 -25.19
N LYS A 84 -16.31 5.78 -24.91
CA LYS A 84 -15.81 5.83 -23.54
C LYS A 84 -16.94 6.30 -22.60
N LEU A 85 -17.17 5.55 -21.51
CA LEU A 85 -18.25 5.84 -20.57
C LEU A 85 -17.70 5.86 -19.15
N THR A 86 -17.63 7.04 -18.54
CA THR A 86 -16.95 7.23 -17.26
C THR A 86 -17.98 7.19 -16.12
N GLY A 87 -18.33 5.98 -15.69
CA GLY A 87 -19.28 5.75 -14.61
C GLY A 87 -20.66 5.28 -15.04
N ILE A 88 -20.90 3.97 -15.00
CA ILE A 88 -22.25 3.45 -15.22
C ILE A 88 -23.20 4.07 -14.21
N ILE A 89 -22.75 4.23 -12.97
CA ILE A 89 -23.42 5.09 -12.01
C ILE A 89 -22.41 6.13 -11.55
N ARG A 90 -22.80 7.40 -11.62
CA ARG A 90 -21.86 8.45 -11.30
C ARG A 90 -22.61 9.67 -10.79
N SER A 91 -21.88 10.54 -10.11
CA SER A 91 -22.38 11.88 -9.79
C SER A 91 -21.86 12.83 -10.85
N LYS A 92 -22.36 14.07 -10.81
CA LYS A 92 -22.08 15.00 -11.90
C LYS A 92 -20.80 15.78 -11.62
N ASN A 93 -19.94 15.88 -12.62
CA ASN A 93 -18.74 16.69 -12.53
C ASN A 93 -19.13 18.15 -12.30
N GLY A 94 -18.36 18.85 -11.45
CA GLY A 94 -18.65 20.25 -11.20
C GLY A 94 -19.82 20.54 -10.27
N GLU A 95 -20.29 19.53 -9.54
CA GLU A 95 -21.32 19.64 -8.52
C GLU A 95 -20.86 18.87 -7.29
N LYS A 96 -21.08 19.44 -6.09
CA LYS A 96 -20.73 18.80 -4.81
C LYS A 96 -21.87 17.88 -4.38
N THR A 97 -21.85 16.65 -4.89
CA THR A 97 -22.94 15.70 -4.66
C THR A 97 -22.70 14.97 -3.34
N HIS A 98 -23.78 14.77 -2.58
CA HIS A 98 -23.57 14.35 -1.19
C HIS A 98 -24.71 13.48 -0.68
N ASP A 99 -24.37 12.66 0.32
CA ASP A 99 -25.33 11.80 1.02
C ASP A 99 -26.08 10.95 0.00
N TYR A 100 -25.31 10.22 -0.80
CA TYR A 100 -25.90 9.31 -1.77
C TYR A 100 -25.18 7.96 -1.68
N GLY A 101 -25.73 6.95 -2.36
CA GLY A 101 -25.12 5.63 -2.26
C GLY A 101 -25.84 4.61 -3.10
N ILE A 102 -25.20 3.44 -3.18
CA ILE A 102 -25.72 2.29 -3.89
C ILE A 102 -25.54 1.06 -3.01
N ARG A 103 -26.53 0.16 -3.04
CA ARG A 103 -26.49 -1.08 -2.25
C ARG A 103 -27.08 -2.24 -3.02
N ASP A 104 -26.61 -3.45 -2.70
CA ASP A 104 -27.26 -4.72 -3.07
C ASP A 104 -27.60 -4.81 -4.55
N LEU A 105 -26.58 -4.54 -5.37
CA LEU A 105 -26.79 -4.53 -6.84
C LEU A 105 -25.47 -4.78 -7.55
N THR A 106 -25.52 -5.25 -8.80
CA THR A 106 -24.36 -5.51 -9.64
C THR A 106 -24.33 -4.54 -10.81
N LEU A 107 -23.16 -3.97 -11.08
CA LEU A 107 -22.87 -3.23 -12.30
C LEU A 107 -21.99 -4.09 -13.21
N ASP A 108 -22.42 -4.26 -14.46
CA ASP A 108 -21.77 -5.13 -15.43
C ASP A 108 -21.37 -4.28 -16.63
N GLY A 109 -20.07 -4.06 -16.81
CA GLY A 109 -19.66 -3.22 -17.91
C GLY A 109 -19.74 -3.85 -19.28
N ASN A 110 -19.96 -5.17 -19.37
CA ASN A 110 -20.18 -5.86 -20.65
C ASN A 110 -19.04 -5.60 -21.65
N GLN A 111 -17.80 -5.75 -21.16
CA GLN A 111 -16.65 -5.49 -22.03
C GLN A 111 -16.59 -6.46 -23.21
N ASP A 112 -17.14 -7.66 -23.06
CA ASP A 112 -17.12 -8.59 -24.20
C ASP A 112 -17.80 -7.98 -25.43
N ASN A 113 -18.95 -7.32 -25.25
CA ASN A 113 -19.75 -6.83 -26.38
C ASN A 113 -19.75 -5.31 -26.49
N THR A 114 -18.76 -4.62 -25.93
CA THR A 114 -18.64 -3.18 -26.07
C THR A 114 -17.19 -2.80 -26.35
N GLU A 115 -16.98 -1.59 -26.85
CA GLU A 115 -15.62 -1.07 -26.92
C GLU A 115 -15.56 0.34 -26.31
N GLY A 116 -14.38 0.68 -25.79
CA GLY A 116 -14.10 1.94 -25.13
C GLY A 116 -13.94 1.74 -23.63
N GLU A 117 -13.26 2.69 -22.98
CA GLU A 117 -12.97 2.56 -21.54
C GLU A 117 -14.20 2.86 -20.71
N VAL A 118 -14.60 1.89 -19.89
CA VAL A 118 -15.77 1.98 -19.04
C VAL A 118 -15.34 1.84 -17.59
N ASP A 119 -15.90 2.70 -16.73
CA ASP A 119 -15.75 2.66 -15.29
C ASP A 119 -17.10 2.42 -14.65
N GLY A 120 -17.12 1.62 -13.59
CA GLY A 120 -18.34 1.23 -12.92
C GLY A 120 -19.01 2.33 -12.11
N PHE A 121 -18.35 2.83 -11.08
CA PHE A 121 -18.95 3.78 -10.15
C PHE A 121 -17.99 4.95 -10.06
N TYR A 122 -18.46 6.15 -10.37
CA TYR A 122 -17.56 7.32 -10.42
C TYR A 122 -18.13 8.40 -9.53
N THR A 123 -17.26 9.05 -8.76
CA THR A 123 -17.67 10.12 -7.85
C THR A 123 -16.69 11.27 -7.99
N GLY A 124 -17.06 12.42 -7.41
CA GLY A 124 -16.11 13.50 -7.22
C GLY A 124 -16.56 14.79 -7.87
N TYR A 125 -15.68 15.78 -7.83
CA TYR A 125 -16.17 17.10 -8.18
C TYR A 125 -15.51 17.65 -9.44
N ILE A 126 -14.26 18.09 -9.35
CA ILE A 126 -13.55 18.62 -10.51
C ILE A 126 -12.06 18.40 -10.28
N PRO A 127 -11.34 17.66 -11.13
CA PRO A 127 -9.88 17.55 -10.93
C PRO A 127 -9.21 18.91 -10.86
N ARG A 128 -8.29 19.05 -9.90
CA ARG A 128 -7.32 20.15 -9.68
C ARG A 128 -7.95 21.40 -9.09
N GLU A 129 -9.21 21.26 -8.69
CA GLU A 129 -9.92 22.40 -8.06
C GLU A 129 -10.40 21.95 -6.68
N ASP A 130 -10.56 22.90 -5.77
CA ASP A 130 -11.03 22.59 -4.44
C ASP A 130 -12.54 22.28 -4.50
N GLY A 131 -13.03 21.50 -3.53
CA GLY A 131 -14.42 21.01 -3.57
C GLY A 131 -14.57 19.50 -3.70
N ALA A 132 -15.65 18.92 -3.18
CA ALA A 132 -15.69 17.49 -3.03
C ALA A 132 -17.13 17.01 -3.01
N ASP A 133 -17.34 15.79 -3.51
CA ASP A 133 -18.49 15.00 -3.08
C ASP A 133 -18.26 14.58 -1.64
N TYR A 134 -19.33 14.19 -0.93
CA TYR A 134 -19.12 13.77 0.45
C TYR A 134 -20.27 12.91 0.96
N ASN A 135 -19.95 12.04 1.93
CA ASN A 135 -20.91 11.11 2.51
C ASN A 135 -21.50 10.21 1.43
N VAL A 136 -20.63 9.36 0.89
CA VAL A 136 -20.98 8.48 -0.22
C VAL A 136 -20.85 7.05 0.27
N THR A 137 -21.83 6.22 0.01
CA THR A 137 -21.81 4.85 0.51
C THR A 137 -22.01 3.85 -0.63
N ALA A 138 -21.25 2.75 -0.62
CA ALA A 138 -21.58 1.58 -1.43
C ALA A 138 -21.49 0.36 -0.53
N GLU A 139 -22.62 -0.35 -0.39
CA GLU A 139 -22.66 -1.55 0.45
C GLU A 139 -23.09 -2.71 -0.43
N ARG A 140 -22.37 -3.82 -0.31
CA ARG A 140 -22.73 -5.04 -1.01
C ARG A 140 -23.01 -4.77 -2.47
N VAL A 141 -22.11 -4.04 -3.12
CA VAL A 141 -22.18 -3.80 -4.55
C VAL A 141 -21.14 -4.68 -5.23
N GLU A 142 -21.50 -5.26 -6.37
CA GLU A 142 -20.57 -6.04 -7.18
C GLU A 142 -20.36 -5.32 -8.50
N ILE A 143 -19.11 -5.07 -8.87
CA ILE A 143 -18.81 -4.45 -10.15
C ILE A 143 -17.91 -5.38 -10.94
N ARG A 144 -18.37 -5.75 -12.13
CA ARG A 144 -17.67 -6.73 -12.93
C ARG A 144 -17.71 -6.34 -14.39
N GLU A 145 -16.69 -6.78 -15.11
CA GLU A 145 -16.62 -6.75 -16.57
C GLU A 145 -16.63 -5.33 -17.17
N VAL A 146 -16.20 -4.31 -16.40
CA VAL A 146 -15.92 -3.02 -17.05
C VAL A 146 -14.54 -3.12 -17.67
N SER A 147 -14.37 -2.44 -18.78
CA SER A 147 -13.06 -2.48 -19.41
C SER A 147 -12.01 -1.66 -18.66
N ARG A 148 -12.39 -0.70 -17.81
CA ARG A 148 -11.27 -0.11 -17.07
C ARG A 148 -11.37 -0.22 -15.54
N TYR A 149 -12.07 0.67 -14.85
CA TYR A 149 -11.94 0.78 -13.39
C TYR A 149 -13.27 0.40 -12.78
N GLY A 150 -13.29 -0.56 -11.87
CA GLY A 150 -14.57 -0.98 -11.32
C GLY A 150 -15.20 0.04 -10.39
N PHE A 151 -14.75 0.12 -9.13
CA PHE A 151 -15.12 1.24 -8.26
C PHE A 151 -14.07 2.32 -8.52
N ASP A 152 -14.50 3.47 -8.99
CA ASP A 152 -13.59 4.55 -9.38
C ASP A 152 -13.98 5.86 -8.72
N PRO A 153 -14.16 5.89 -7.38
CA PRO A 153 -14.41 7.18 -6.71
C PRO A 153 -13.20 8.08 -6.92
N HIS A 154 -13.45 9.36 -7.16
CA HIS A 154 -12.50 10.21 -7.85
C HIS A 154 -12.45 11.59 -7.17
N GLU A 155 -11.60 12.44 -7.72
CA GLU A 155 -11.17 13.65 -7.02
C GLU A 155 -12.28 14.70 -6.97
N GLN A 156 -12.53 15.26 -5.77
CA GLN A 156 -12.27 14.77 -4.42
C GLN A 156 -13.55 14.17 -3.88
N THR A 157 -13.44 13.15 -3.03
CA THR A 157 -14.58 12.63 -2.28
C THR A 157 -14.18 12.45 -0.82
N ILE A 158 -15.00 12.96 0.07
CA ILE A 158 -14.77 12.91 1.52
C ILE A 158 -15.80 11.97 2.13
N ASN A 159 -15.32 11.10 3.01
CA ASN A 159 -16.19 10.15 3.69
C ASN A 159 -16.90 9.29 2.67
N LEU A 160 -16.13 8.78 1.70
CA LEU A 160 -16.57 7.62 0.94
C LEU A 160 -16.43 6.38 1.81
N THR A 161 -17.43 5.52 1.79
CA THR A 161 -17.36 4.22 2.43
C THR A 161 -17.71 3.18 1.38
N ILE A 162 -16.84 2.19 1.17
CA ILE A 162 -17.22 1.03 0.37
C ILE A 162 -17.02 -0.20 1.23
N ARG A 163 -18.10 -0.93 1.47
CA ARG A 163 -18.02 -2.09 2.35
C ARG A 163 -18.75 -3.29 1.75
N ASP A 164 -18.24 -4.47 2.12
CA ASP A 164 -18.88 -5.73 1.80
C ASP A 164 -19.17 -5.83 0.31
N SER A 165 -18.25 -5.34 -0.50
CA SER A 165 -18.41 -5.24 -1.93
C SER A 165 -17.36 -6.08 -2.66
N VAL A 166 -17.53 -6.24 -3.98
CA VAL A 166 -16.70 -7.13 -4.79
C VAL A 166 -16.46 -6.48 -6.14
N ALA A 167 -15.21 -6.47 -6.58
CA ALA A 167 -14.86 -6.09 -7.93
C ALA A 167 -14.11 -7.23 -8.55
N HIS A 168 -14.58 -7.71 -9.69
CA HIS A 168 -13.82 -8.78 -10.33
C HIS A 168 -13.93 -8.67 -11.83
N ASN A 169 -12.93 -9.21 -12.51
CA ASN A 169 -12.91 -9.35 -13.97
C ASN A 169 -13.12 -8.01 -14.64
N ASN A 170 -12.53 -6.97 -14.06
CA ASN A 170 -12.48 -5.67 -14.69
C ASN A 170 -11.15 -5.54 -15.41
N GLY A 171 -11.17 -4.77 -16.52
CA GLY A 171 -9.99 -4.69 -17.38
C GLY A 171 -8.78 -4.06 -16.69
N LYS A 172 -9.00 -3.10 -15.79
CA LYS A 172 -7.77 -2.62 -15.15
C LYS A 172 -7.74 -2.80 -13.63
N ASP A 173 -8.28 -1.88 -12.83
CA ASP A 173 -8.19 -1.94 -11.37
C ASP A 173 -9.58 -2.18 -10.83
N GLY A 174 -9.74 -3.14 -9.92
CA GLY A 174 -11.04 -3.35 -9.26
C GLY A 174 -11.53 -2.13 -8.50
N PHE A 175 -10.65 -1.53 -7.70
CA PHE A 175 -10.94 -0.36 -6.86
C PHE A 175 -9.85 0.67 -7.06
N VAL A 176 -10.24 1.90 -7.36
CA VAL A 176 -9.36 3.08 -7.37
C VAL A 176 -9.89 4.03 -6.28
N GLY A 177 -9.00 4.49 -5.39
CA GLY A 177 -9.37 5.64 -4.58
C GLY A 177 -8.54 6.81 -5.07
N ASP A 178 -9.11 7.64 -5.95
CA ASP A 178 -8.43 8.85 -6.48
C ASP A 178 -8.81 10.06 -5.62
N PHE A 179 -7.83 10.70 -4.99
CA PHE A 179 -8.07 11.82 -4.07
C PHE A 179 -9.32 11.63 -3.19
N GLN A 180 -9.39 10.47 -2.51
CA GLN A 180 -10.37 10.25 -1.47
C GLN A 180 -9.80 10.75 -0.15
N ILE A 181 -10.68 11.24 0.71
CA ILE A 181 -10.31 11.87 1.98
C ILE A 181 -11.17 11.28 3.07
N ASP A 182 -10.54 10.92 4.20
CA ASP A 182 -11.27 10.53 5.40
C ASP A 182 -12.28 9.43 5.06
N SER A 183 -11.79 8.39 4.37
CA SER A 183 -12.65 7.39 3.75
C SER A 183 -12.26 5.98 4.17
N THR A 184 -13.13 5.03 3.84
CA THR A 184 -13.04 3.67 4.37
C THR A 184 -13.37 2.64 3.31
N PHE A 185 -12.47 1.70 3.11
CA PHE A 185 -12.72 0.51 2.29
C PHE A 185 -12.62 -0.66 3.26
N GLU A 186 -13.75 -1.31 3.54
CA GLU A 186 -13.76 -2.38 4.53
C GLU A 186 -14.45 -3.64 4.01
N ASN A 187 -13.86 -4.80 4.33
CA ASN A 187 -14.38 -6.14 4.00
CA ASN A 187 -14.47 -6.10 4.02
C ASN A 187 -14.83 -6.25 2.54
N ASN A 188 -13.98 -5.74 1.67
CA ASN A 188 -14.19 -5.88 0.24
C ASN A 188 -13.29 -6.97 -0.31
N VAL A 189 -13.62 -7.42 -1.51
CA VAL A 189 -12.82 -8.38 -2.25
C VAL A 189 -12.64 -7.83 -3.66
N SER A 190 -11.40 -7.88 -4.15
CA SER A 190 -11.09 -7.44 -5.50
C SER A 190 -10.23 -8.52 -6.14
N HIS A 191 -10.75 -9.19 -7.16
CA HIS A 191 -10.06 -10.37 -7.64
C HIS A 191 -10.17 -10.49 -9.15
N ASP A 192 -9.16 -11.12 -9.75
CA ASP A 192 -9.05 -11.37 -11.21
C ASP A 192 -9.32 -10.13 -12.05
N ASN A 193 -8.77 -9.00 -11.63
CA ASN A 193 -8.78 -7.81 -12.47
C ASN A 193 -7.53 -7.76 -13.31
N GLY A 194 -7.61 -7.04 -14.45
CA GLY A 194 -6.48 -6.97 -15.37
C GLY A 194 -5.22 -6.35 -14.75
N ARG A 195 -5.38 -5.31 -13.92
CA ARG A 195 -4.15 -4.82 -13.27
C ARG A 195 -4.17 -4.88 -11.73
N HIS A 196 -4.69 -3.89 -11.02
CA HIS A 196 -4.54 -3.88 -9.54
C HIS A 196 -5.85 -4.32 -8.86
N GLY A 197 -5.73 -4.95 -7.69
CA GLY A 197 -6.90 -5.14 -6.81
C GLY A 197 -7.44 -3.82 -6.26
N PHE A 198 -6.63 -3.10 -5.51
CA PHE A 198 -6.92 -1.77 -4.99
C PHE A 198 -5.77 -0.84 -5.33
N ASN A 199 -6.08 0.39 -5.74
CA ASN A 199 -5.09 1.40 -6.14
C ASN A 199 -5.51 2.71 -5.48
N ILE A 200 -4.81 3.11 -4.44
CA ILE A 200 -5.04 4.39 -3.75
C ILE A 200 -4.04 5.39 -4.30
N VAL A 201 -4.50 6.49 -4.85
CA VAL A 201 -3.60 7.34 -5.67
C VAL A 201 -4.06 8.80 -5.58
N THR A 202 -3.25 9.70 -6.11
CA THR A 202 -3.66 11.09 -6.31
C THR A 202 -4.05 11.74 -4.99
N SER A 203 -3.09 11.82 -4.05
CA SER A 203 -3.17 12.67 -2.87
C SER A 203 -4.16 12.19 -1.83
N SER A 204 -4.71 10.98 -1.99
CA SER A 204 -5.70 10.50 -1.03
C SER A 204 -5.13 10.51 0.39
N HIS A 205 -5.98 10.75 1.41
CA HIS A 205 -5.41 10.75 2.74
C HIS A 205 -6.47 10.45 3.78
N ASP A 206 -5.97 9.95 4.92
CA ASP A 206 -6.78 9.48 6.04
C ASP A 206 -7.74 8.38 5.58
N ILE A 207 -7.14 7.29 5.09
CA ILE A 207 -7.87 6.20 4.46
C ILE A 207 -7.66 4.99 5.33
N LEU A 208 -8.74 4.25 5.58
CA LEU A 208 -8.68 2.99 6.28
C LEU A 208 -9.03 1.90 5.31
N LEU A 209 -8.16 0.90 5.20
CA LEU A 209 -8.36 -0.27 4.34
C LEU A 209 -8.35 -1.47 5.27
N ARG A 210 -9.53 -1.87 5.70
CA ARG A 210 -9.66 -2.87 6.75
C ARG A 210 -10.22 -4.17 6.21
N ASP A 211 -9.51 -5.27 6.46
CA ASP A 211 -10.01 -6.62 6.17
C ASP A 211 -10.42 -6.79 4.70
N ASN A 212 -9.71 -6.15 3.79
CA ASN A 212 -9.90 -6.36 2.36
C ASN A 212 -9.08 -7.54 1.87
N VAL A 213 -9.53 -8.12 0.76
CA VAL A 213 -8.89 -9.27 0.16
C VAL A 213 -8.67 -8.98 -1.32
N ALA A 214 -7.47 -9.30 -1.80
CA ALA A 214 -7.17 -9.10 -3.19
C ALA A 214 -6.36 -10.29 -3.64
N TYR A 215 -6.85 -10.97 -4.68
CA TYR A 215 -6.14 -12.10 -5.27
C TYR A 215 -6.37 -12.15 -6.77
N GLY A 216 -5.43 -12.80 -7.46
CA GLY A 216 -5.57 -13.11 -8.89
C GLY A 216 -5.53 -11.92 -9.82
N ASN A 217 -5.10 -10.76 -9.33
CA ASN A 217 -5.02 -9.57 -10.16
C ASN A 217 -3.76 -9.59 -10.97
N GLY A 218 -3.83 -9.04 -12.18
CA GLY A 218 -2.67 -9.01 -13.05
C GLY A 218 -1.45 -8.27 -12.47
N ALA A 219 -1.64 -7.37 -11.51
CA ALA A 219 -0.55 -6.57 -10.97
C ALA A 219 -0.69 -6.58 -9.44
N ASN A 220 -0.59 -5.46 -8.74
CA ASN A 220 -0.58 -5.50 -7.29
C ASN A 220 -1.94 -5.91 -6.69
N GLY A 221 -1.88 -6.65 -5.59
CA GLY A 221 -3.06 -6.79 -4.76
C GLY A 221 -3.58 -5.45 -4.27
N LEU A 222 -2.69 -4.65 -3.67
CA LEU A 222 -2.96 -3.28 -3.28
C LEU A 222 -1.74 -2.43 -3.61
N VAL A 223 -1.95 -1.28 -4.25
CA VAL A 223 -0.87 -0.30 -4.43
C VAL A 223 -1.35 1.04 -3.85
N VAL A 224 -0.49 1.67 -3.07
CA VAL A 224 -0.68 3.04 -2.56
C VAL A 224 0.43 3.89 -3.15
N GLN A 225 0.09 4.95 -3.89
CA GLN A 225 1.13 5.62 -4.67
C GLN A 225 0.77 7.06 -4.97
N ARG A 226 1.81 7.85 -5.30
CA ARG A 226 1.60 9.25 -5.70
C ARG A 226 0.84 9.34 -7.02
N GLY A 227 1.19 8.48 -7.98
CA GLY A 227 0.69 8.63 -9.35
C GLY A 227 1.76 9.26 -10.25
N SER A 228 1.38 9.56 -11.50
CA SER A 228 2.36 10.02 -12.48
C SER A 228 2.56 11.53 -12.47
N GLU A 229 1.85 12.28 -11.61
CA GLU A 229 1.98 13.72 -11.66
C GLU A 229 2.74 14.23 -10.45
N ASP A 230 3.31 15.43 -10.58
CA ASP A 230 4.03 16.05 -9.47
C ASP A 230 3.03 16.74 -8.52
N ILE A 231 2.37 15.94 -7.67
CA ILE A 231 1.31 16.45 -6.77
C ILE A 231 1.57 15.92 -5.36
N ALA A 232 0.81 16.43 -4.37
CA ALA A 232 1.00 16.02 -2.98
C ALA A 232 0.87 14.50 -2.90
N HIS A 233 1.80 13.86 -2.18
CA HIS A 233 1.75 12.42 -1.94
C HIS A 233 0.54 12.03 -1.09
N PRO A 234 0.03 10.81 -1.23
CA PRO A 234 -0.97 10.31 -0.26
C PRO A 234 -0.34 10.22 1.13
N TYR A 235 -1.17 10.23 2.17
CA TYR A 235 -0.60 10.14 3.51
C TYR A 235 -1.68 9.65 4.48
N ASN A 236 -1.25 9.13 5.63
CA ASN A 236 -2.16 8.58 6.67
C ASN A 236 -3.01 7.48 6.06
N ILE A 237 -2.34 6.39 5.67
CA ILE A 237 -2.99 5.28 4.99
C ILE A 237 -2.81 4.09 5.92
N GLN A 238 -3.92 3.55 6.44
CA GLN A 238 -3.87 2.49 7.45
C GLN A 238 -4.50 1.22 6.88
N ILE A 239 -3.68 0.19 6.65
CA ILE A 239 -4.09 -1.07 6.08
C ILE A 239 -4.05 -2.08 7.21
N GLU A 240 -5.18 -2.71 7.47
CA GLU A 240 -5.39 -3.52 8.66
C GLU A 240 -5.97 -4.84 8.20
N GLY A 241 -5.33 -5.94 8.56
CA GLY A 241 -6.02 -7.19 8.32
C GLY A 241 -6.20 -7.53 6.84
N GLY A 242 -6.95 -8.61 6.61
CA GLY A 242 -7.25 -8.98 5.23
C GLY A 242 -6.15 -9.81 4.61
N ALA A 243 -6.17 -9.89 3.29
CA ALA A 243 -5.27 -10.80 2.61
C ALA A 243 -5.01 -10.35 1.19
N TYR A 244 -3.74 -10.39 0.79
CA TYR A 244 -3.27 -9.93 -0.52
C TYR A 244 -2.45 -11.09 -1.06
N HIS A 245 -3.02 -11.90 -1.96
CA HIS A 245 -2.37 -13.14 -2.32
C HIS A 245 -2.56 -13.50 -3.79
N ASP A 246 -1.59 -14.26 -4.33
CA ASP A 246 -1.68 -14.78 -5.70
C ASP A 246 -1.94 -13.69 -6.72
N ASN A 247 -1.15 -12.63 -6.61
CA ASN A 247 -1.26 -11.50 -7.57
C ASN A 247 -0.06 -11.53 -8.52
N GLY A 248 -0.18 -10.87 -9.66
CA GLY A 248 0.84 -10.86 -10.70
C GLY A 248 2.07 -10.01 -10.41
N ALA A 249 1.98 -9.16 -9.38
CA ALA A 249 3.13 -8.33 -8.96
C ALA A 249 3.30 -8.43 -7.44
N GLU A 250 3.68 -7.35 -6.76
CA GLU A 250 3.74 -7.41 -5.31
C GLU A 250 2.35 -7.59 -4.69
N GLY A 251 2.30 -8.27 -3.52
CA GLY A 251 1.07 -8.29 -2.74
C GLY A 251 0.61 -6.90 -2.34
N VAL A 252 1.50 -6.13 -1.71
CA VAL A 252 1.26 -4.73 -1.33
C VAL A 252 2.45 -3.89 -1.72
N LEU A 253 2.20 -2.82 -2.46
CA LEU A 253 3.25 -1.93 -2.90
C LEU A 253 2.88 -0.54 -2.40
N ILE A 254 3.81 0.13 -1.71
CA ILE A 254 3.59 1.49 -1.24
C ILE A 254 4.74 2.35 -1.70
N LYS A 255 4.43 3.44 -2.40
CA LYS A 255 5.50 4.27 -2.91
C LYS A 255 5.11 5.74 -2.86
N MET A 256 6.08 6.57 -2.52
CA MET A 256 5.90 8.02 -2.44
C MET A 256 4.64 8.36 -1.65
N THR A 257 4.57 7.81 -0.45
CA THR A 257 3.50 8.00 0.52
C THR A 257 4.14 8.37 1.86
N SER A 258 3.39 9.11 2.70
CA SER A 258 3.81 9.43 4.07
C SER A 258 2.86 8.80 5.11
N ASN A 259 3.43 8.31 6.22
CA ASN A 259 2.68 7.71 7.34
CA ASN A 259 2.67 7.74 7.32
C ASN A 259 1.71 6.64 6.84
N ALA A 260 2.29 5.57 6.28
CA ALA A 260 1.51 4.40 5.89
C ALA A 260 1.74 3.31 6.93
N SER A 261 0.74 2.44 7.11
CA SER A 261 0.81 1.34 8.07
CA SER A 261 0.87 1.32 8.03
C SER A 261 0.18 0.11 7.44
N LEU A 262 0.79 -1.06 7.65
CA LEU A 262 0.28 -2.33 7.16
C LEU A 262 0.41 -3.31 8.32
N GLN A 263 -0.74 -3.66 8.88
CA GLN A 263 -0.70 -4.57 10.10
CA GLN A 263 -0.73 -4.59 10.04
C GLN A 263 -1.75 -5.76 10.04
N GLY A 264 -1.22 -6.91 10.41
CA GLY A 264 -2.09 -8.07 10.56
C GLY A 264 -2.62 -8.66 9.26
N ALA A 265 -1.94 -8.45 8.14
CA ALA A 265 -2.39 -9.00 6.86
C ALA A 265 -1.74 -10.34 6.57
N GLU A 266 -2.42 -11.16 5.76
CA GLU A 266 -1.82 -12.37 5.21
C GLU A 266 -1.41 -12.10 3.77
N ILE A 267 -0.15 -12.35 3.43
CA ILE A 267 0.40 -11.91 2.15
C ILE A 267 1.23 -13.07 1.61
N TYR A 268 0.74 -13.70 0.53
CA TYR A 268 1.31 -14.97 0.11
C TYR A 268 1.03 -15.22 -1.36
N GLY A 269 1.88 -16.04 -1.98
CA GLY A 269 1.67 -16.49 -3.34
C GLY A 269 1.82 -15.43 -4.42
N ASN A 270 2.28 -14.22 -4.10
CA ASN A 270 2.41 -13.22 -5.14
C ASN A 270 3.65 -13.51 -6.01
N ASP A 271 3.63 -13.01 -7.25
CA ASP A 271 4.76 -13.26 -8.15
C ASP A 271 5.99 -12.46 -7.78
N ALA A 272 5.82 -11.25 -7.25
CA ALA A 272 6.91 -10.39 -6.79
C ALA A 272 6.95 -10.40 -5.25
N ALA A 273 7.63 -9.43 -4.66
CA ALA A 273 7.73 -9.38 -3.19
C ALA A 273 6.34 -9.36 -2.55
N GLY A 274 6.24 -9.97 -1.37
CA GLY A 274 5.03 -9.79 -0.59
C GLY A 274 4.75 -8.31 -0.35
N VAL A 275 5.73 -7.58 0.17
CA VAL A 275 5.55 -6.17 0.51
C VAL A 275 6.75 -5.42 -0.03
N ARG A 276 6.48 -4.34 -0.74
CA ARG A 276 7.53 -3.52 -1.29
C ARG A 276 7.21 -2.07 -0.95
N VAL A 277 8.18 -1.38 -0.37
CA VAL A 277 8.05 -0.03 0.16
C VAL A 277 9.10 0.80 -0.55
N ARG A 278 8.67 1.82 -1.27
CA ARG A 278 9.62 2.58 -2.06
C ARG A 278 9.44 4.07 -1.74
N GLY A 279 10.46 4.64 -1.09
CA GLY A 279 10.45 6.08 -0.80
C GLY A 279 9.24 6.48 0.06
N VAL A 280 9.06 5.82 1.18
CA VAL A 280 7.91 6.07 2.07
C VAL A 280 8.40 6.72 3.35
N ASP A 281 7.81 7.88 3.69
CA ASP A 281 8.23 8.64 4.88
C ASP A 281 7.26 8.30 6.01
N GLY A 282 7.64 7.34 6.88
CA GLY A 282 6.82 6.87 7.98
C GLY A 282 6.15 5.59 7.51
N MET A 283 6.69 4.45 7.87
CA MET A 283 6.16 3.15 7.44
C MET A 283 6.11 2.23 8.65
N GLN A 284 4.94 1.71 8.97
CA GLN A 284 4.84 0.66 9.99
C GLN A 284 4.40 -0.64 9.37
N LEU A 285 5.14 -1.70 9.66
CA LEU A 285 4.94 -3.01 9.05
C LEU A 285 4.89 -3.97 10.23
N LEU A 286 3.67 -4.24 10.71
CA LEU A 286 3.51 -4.88 12.02
C LEU A 286 2.69 -6.15 11.91
N ASP A 287 3.19 -7.23 12.53
CA ASP A 287 2.36 -8.41 12.82
C ASP A 287 1.69 -8.98 11.56
N ASN A 288 2.39 -8.98 10.42
CA ASN A 288 1.86 -9.59 9.21
C ASN A 288 2.33 -11.03 9.08
N ASP A 289 1.68 -11.77 8.21
CA ASP A 289 2.05 -13.16 7.95
C ASP A 289 2.41 -13.25 6.48
N ILE A 290 3.70 -13.38 6.17
CA ILE A 290 4.24 -13.13 4.84
C ILE A 290 5.07 -14.34 4.40
N HIS A 291 4.62 -15.03 3.34
CA HIS A 291 5.24 -16.30 2.95
C HIS A 291 4.97 -16.60 1.48
N ASP A 292 5.90 -17.33 0.84
CA ASP A 292 5.70 -17.90 -0.50
C ASP A 292 5.45 -16.84 -1.55
N ASN A 293 6.14 -15.71 -1.45
CA ASN A 293 6.02 -14.67 -2.46
C ASN A 293 7.20 -14.82 -3.39
N ALA A 294 7.43 -13.79 -4.25
CA ALA A 294 8.47 -13.91 -5.28
C ALA A 294 8.30 -15.22 -6.09
N GLN A 295 7.06 -15.64 -6.35
CA GLN A 295 6.87 -16.86 -7.16
C GLN A 295 7.40 -16.70 -8.59
N GLY A 296 7.48 -15.46 -9.09
CA GLY A 296 7.92 -15.15 -10.44
C GLY A 296 9.40 -14.95 -10.56
N GLY A 297 10.13 -15.23 -9.48
CA GLY A 297 11.53 -14.88 -9.30
C GLY A 297 11.69 -13.75 -8.30
N GLY A 298 12.89 -13.66 -7.75
CA GLY A 298 13.19 -12.54 -6.88
C GLY A 298 13.68 -13.09 -5.56
N LYS A 299 14.49 -12.29 -4.87
CA LYS A 299 15.15 -12.82 -3.69
C LYS A 299 14.52 -12.38 -2.37
N ALA A 300 13.38 -11.68 -2.35
CA ALA A 300 12.99 -11.08 -1.09
C ALA A 300 11.51 -11.21 -0.89
N GLU A 301 11.09 -11.52 0.35
CA GLU A 301 9.69 -11.41 0.72
C GLU A 301 9.30 -9.96 1.06
N ILE A 302 10.20 -9.19 1.65
CA ILE A 302 9.94 -7.79 1.97
C ILE A 302 11.08 -6.98 1.43
N VAL A 303 10.76 -5.86 0.77
CA VAL A 303 11.72 -4.93 0.21
C VAL A 303 11.41 -3.52 0.69
N LEU A 304 12.34 -2.92 1.43
CA LEU A 304 12.32 -1.49 1.71
C LEU A 304 13.41 -0.83 0.88
N GLU A 305 13.06 0.23 0.17
CA GLU A 305 14.05 0.90 -0.65
C GLU A 305 13.61 2.34 -0.83
N ASP A 306 14.48 3.11 -1.45
CA ASP A 306 14.17 4.51 -1.75
C ASP A 306 13.38 4.59 -3.07
N TYR A 307 12.95 5.82 -3.44
CA TYR A 307 12.40 6.05 -4.76
C TYR A 307 13.06 7.31 -5.33
N ASP A 308 13.87 7.14 -6.36
CA ASP A 308 14.65 8.20 -6.96
C ASP A 308 13.84 8.80 -8.10
N ASP A 309 13.19 9.96 -7.88
CA ASP A 309 12.41 10.62 -8.93
C ASP A 309 13.18 11.82 -9.52
N ARG A 310 14.52 11.82 -9.41
CA ARG A 310 15.30 12.97 -9.89
C ARG A 310 15.22 13.15 -11.40
N ASP A 311 15.02 12.07 -12.14
CA ASP A 311 14.87 12.19 -13.58
C ASP A 311 13.40 12.08 -14.02
N GLY A 312 12.45 12.13 -13.08
CA GLY A 312 11.04 12.10 -13.39
C GLY A 312 10.37 13.44 -13.15
N VAL A 313 9.05 13.39 -12.92
CA VAL A 313 8.29 14.66 -12.95
C VAL A 313 8.66 15.55 -11.76
N SER A 314 9.00 14.99 -10.61
CA SER A 314 9.19 15.93 -9.50
C SER A 314 10.63 16.40 -9.33
N GLY A 315 11.60 15.70 -9.90
CA GLY A 315 12.99 16.11 -9.67
C GLY A 315 13.51 15.76 -8.29
N ASN A 316 12.82 14.92 -7.53
CA ASN A 316 13.16 14.77 -6.11
C ASN A 316 13.66 13.36 -5.86
N TYR A 317 14.50 13.20 -4.84
CA TYR A 317 14.90 11.87 -4.36
C TYR A 317 14.13 11.57 -3.08
N TYR A 318 13.42 10.45 -3.01
CA TYR A 318 12.61 10.17 -1.80
C TYR A 318 13.21 8.99 -1.03
N GLU A 319 13.76 9.26 0.16
CA GLU A 319 14.17 8.16 1.04
C GLU A 319 13.00 7.50 1.73
N THR A 320 13.12 6.19 1.94
CA THR A 320 12.28 5.57 2.96
C THR A 320 12.86 5.97 4.32
N LEU A 321 12.00 6.36 5.23
CA LEU A 321 12.39 6.92 6.51
C LEU A 321 11.41 6.50 7.59
N ASN A 322 11.79 6.72 8.85
CA ASN A 322 10.85 6.53 9.99
C ASN A 322 10.10 5.20 9.86
N ALA A 323 10.85 4.12 9.84
CA ALA A 323 10.26 2.80 9.65
C ALA A 323 10.27 1.99 10.95
N THR A 324 9.17 1.28 11.18
CA THR A 324 9.00 0.35 12.28
C THR A 324 8.52 -0.96 11.69
N VAL A 325 9.29 -2.01 11.84
CA VAL A 325 9.04 -3.28 11.20
C VAL A 325 9.15 -4.30 12.33
N GLN A 326 8.02 -4.79 12.85
CA GLN A 326 8.07 -5.63 14.06
C GLN A 326 7.00 -6.72 14.04
N GLY A 327 7.31 -7.83 14.69
CA GLY A 327 6.33 -8.89 14.94
C GLY A 327 5.82 -9.61 13.72
N ASN A 328 6.42 -9.39 12.54
CA ASN A 328 5.99 -10.12 11.35
C ASN A 328 6.53 -11.55 11.35
N ARG A 329 5.75 -12.46 10.76
CA ARG A 329 6.23 -13.78 10.42
C ARG A 329 6.53 -13.76 8.92
N VAL A 330 7.77 -14.12 8.55
CA VAL A 330 8.29 -13.87 7.21
C VAL A 330 9.11 -15.05 6.76
N ALA A 331 8.55 -15.86 5.87
CA ALA A 331 9.20 -17.11 5.48
C ALA A 331 10.08 -16.83 4.26
N GLY A 332 11.18 -16.09 4.49
CA GLY A 332 12.09 -15.69 3.43
C GLY A 332 12.74 -14.35 3.77
N ALA A 333 13.52 -13.86 2.83
CA ALA A 333 14.45 -12.78 3.16
C ALA A 333 13.73 -11.43 3.28
N ALA A 334 14.10 -10.65 4.30
CA ALA A 334 13.64 -9.26 4.37
C ALA A 334 14.80 -8.30 4.10
N GLN A 335 14.58 -7.34 3.21
CA GLN A 335 15.55 -6.27 2.95
C GLN A 335 15.03 -5.02 3.66
N LEU A 336 15.59 -4.73 4.83
CA LEU A 336 15.08 -3.65 5.66
C LEU A 336 16.15 -2.58 5.71
N LEU A 337 15.96 -1.53 4.90
CA LEU A 337 16.91 -0.44 4.73
C LEU A 337 16.15 0.85 5.01
N SER A 338 16.74 1.74 5.81
CA SER A 338 16.11 3.03 6.07
C SER A 338 17.21 4.09 6.20
N SER A 339 16.85 5.31 6.58
CA SER A 339 17.79 6.42 6.52
CA SER A 339 17.76 6.46 6.48
C SER A 339 17.61 7.31 7.74
N GLU A 340 17.95 8.59 7.60
CA GLU A 340 17.97 9.54 8.74
CA GLU A 340 17.94 9.53 8.75
C GLU A 340 16.76 9.41 9.76
N GLY A 341 17.15 9.51 11.02
CA GLY A 341 16.14 9.31 12.03
C GLY A 341 16.18 7.89 12.57
N ARG A 342 15.37 7.67 13.61
CA ARG A 342 15.39 6.43 14.39
C ARG A 342 14.48 5.40 13.72
N ASP A 343 15.05 4.25 13.34
CA ASP A 343 14.29 3.12 12.78
C ASP A 343 14.32 1.93 13.71
N LEU A 344 13.22 1.17 13.75
CA LEU A 344 13.16 -0.09 14.53
C LEU A 344 12.92 -1.19 13.53
N LEU A 345 13.94 -2.01 13.30
CA LEU A 345 13.93 -2.93 12.16
C LEU A 345 14.14 -4.36 12.65
N ASP A 346 13.11 -5.20 12.59
CA ASP A 346 13.20 -6.59 13.03
C ASP A 346 13.04 -7.51 11.83
N GLY A 347 14.06 -8.33 11.57
CA GLY A 347 13.91 -9.46 10.68
C GLY A 347 13.11 -10.61 11.31
N ALA A 348 13.01 -11.72 10.55
CA ALA A 348 12.14 -12.84 10.89
C ALA A 348 12.94 -14.06 10.51
N ALA A 349 12.29 -15.19 10.19
CA ALA A 349 13.01 -16.46 10.05
C ALA A 349 13.95 -16.51 8.85
N GLY A 350 13.88 -15.54 7.92
CA GLY A 350 14.75 -15.51 6.75
C GLY A 350 16.16 -14.98 7.03
N ASN A 351 17.01 -15.06 6.00
CA ASN A 351 18.36 -14.52 6.04
C ASN A 351 18.24 -13.07 5.57
N ASP A 352 18.16 -12.14 6.52
CA ASP A 352 17.76 -10.77 6.23
C ASP A 352 18.95 -9.82 6.14
N LEU A 353 18.72 -8.70 5.47
CA LEU A 353 19.69 -7.62 5.40
C LEU A 353 19.11 -6.42 6.13
N LEU A 354 19.80 -5.93 7.16
CA LEU A 354 19.33 -4.81 7.97
C LEU A 354 20.32 -3.66 7.94
N ASP A 355 19.83 -2.47 7.62
CA ASP A 355 20.64 -1.24 7.67
C ASP A 355 19.71 -0.08 8.00
N GLY A 356 19.79 0.46 9.23
CA GLY A 356 19.00 1.65 9.58
C GLY A 356 19.54 2.98 9.07
N GLY A 357 20.72 2.99 8.45
CA GLY A 357 21.15 4.31 7.91
C GLY A 357 21.46 5.30 9.03
N ALA A 358 21.49 6.60 8.67
CA ALA A 358 21.79 7.64 9.67
C ALA A 358 20.84 7.57 10.87
N GLY A 359 21.27 8.15 12.01
CA GLY A 359 20.43 8.18 13.21
C GLY A 359 20.51 6.89 14.00
N ARG A 360 19.77 6.85 15.11
CA ARG A 360 19.95 5.80 16.12
C ARG A 360 18.89 4.73 15.93
N ASP A 361 19.31 3.57 15.46
CA ASP A 361 18.41 2.48 15.11
C ASP A 361 18.57 1.29 16.04
N THR A 362 17.49 0.51 16.16
CA THR A 362 17.48 -0.73 16.91
C THR A 362 17.12 -1.82 15.92
N LEU A 363 18.03 -2.80 15.74
CA LEU A 363 17.95 -3.84 14.73
C LEU A 363 17.89 -5.21 15.42
N SER A 364 17.11 -6.12 14.86
CA SER A 364 17.21 -7.51 15.30
C SER A 364 17.00 -8.41 14.10
N GLY A 365 17.73 -9.52 14.05
CA GLY A 365 17.64 -10.37 12.87
C GLY A 365 16.63 -11.50 12.97
N GLY A 366 16.32 -11.91 14.20
CA GLY A 366 15.52 -13.14 14.33
C GLY A 366 16.31 -14.36 13.87
N GLY A 367 15.58 -15.42 13.53
CA GLY A 367 16.21 -16.68 13.14
C GLY A 367 16.90 -16.53 11.79
N GLY A 368 17.60 -17.58 11.35
CA GLY A 368 18.40 -17.46 10.13
C GLY A 368 19.67 -16.65 10.33
N ALA A 369 20.43 -16.48 9.25
CA ALA A 369 21.71 -15.78 9.31
C ALA A 369 21.53 -14.40 8.68
N ASP A 370 21.66 -13.36 9.49
CA ASP A 370 21.33 -12.01 9.05
C ASP A 370 22.59 -11.14 8.97
N THR A 371 22.55 -10.20 8.04
CA THR A 371 23.63 -9.24 7.85
C THR A 371 23.17 -7.87 8.32
N PHE A 372 23.83 -7.35 9.35
CA PHE A 372 23.59 -5.99 9.81
C PHE A 372 24.65 -5.10 9.18
N ARG A 373 24.25 -4.26 8.24
CA ARG A 373 25.17 -3.43 7.47
C ARG A 373 25.28 -2.02 8.04
N PHE A 374 26.52 -1.51 8.13
CA PHE A 374 26.77 -0.14 8.56
C PHE A 374 27.54 0.50 7.42
N ALA A 375 26.84 1.34 6.65
CA ALA A 375 27.37 1.80 5.39
C ALA A 375 28.26 3.04 5.54
N ASP A 376 28.15 3.80 6.63
CA ASP A 376 28.89 5.05 6.83
C ASP A 376 29.25 5.14 8.31
N ARG A 377 30.47 5.59 8.60
CA ARG A 377 30.91 5.75 9.98
C ARG A 377 30.01 6.71 10.76
N GLN A 378 29.37 7.65 10.08
CA GLN A 378 28.49 8.60 10.76
C GLN A 378 27.09 8.02 10.99
N ASP A 379 26.86 6.75 10.70
CA ASP A 379 25.55 6.16 10.89
C ASP A 379 25.33 5.50 12.26
N SER A 380 26.39 5.38 13.07
CA SER A 380 26.28 4.81 14.41
C SER A 380 27.51 5.36 15.12
N PHE A 381 27.32 6.31 16.02
CA PHE A 381 28.51 6.95 16.61
C PHE A 381 28.23 7.58 17.97
N ARG A 382 29.30 7.87 18.70
CA ARG A 382 29.18 8.54 20.01
C ARG A 382 30.09 9.74 20.03
N ASN A 383 29.61 10.88 20.50
CA ASN A 383 30.49 12.06 20.66
C ASN A 383 30.53 12.34 22.16
N TYR A 384 31.68 12.14 22.78
CA TYR A 384 31.77 12.29 24.26
C TYR A 384 31.60 13.75 24.65
N GLU A 385 31.84 14.67 23.73
CA GLU A 385 31.62 16.11 24.01
C GLU A 385 30.14 16.34 24.36
N GLY A 386 29.30 15.29 24.27
CA GLY A 386 27.84 15.50 24.46
C GLY A 386 27.30 14.08 24.57
N ASP A 387 26.25 13.70 23.82
CA ASP A 387 25.62 12.36 24.08
C ASP A 387 26.00 11.00 23.48
N THR A 388 25.75 9.91 24.22
CA THR A 388 26.02 8.54 23.73
C THR A 388 24.98 8.20 22.68
N SER A 389 23.99 9.09 22.56
CA SER A 389 22.95 8.86 21.55
C SER A 389 23.61 8.75 20.19
N ARG A 390 22.87 8.22 19.22
CA ARG A 390 23.35 8.03 17.82
C ARG A 390 24.11 6.71 17.73
N VAL A 391 24.16 5.95 18.83
CA VAL A 391 24.78 4.59 18.78
C VAL A 391 23.70 3.54 18.53
N ASP A 392 23.75 2.90 17.38
CA ASP A 392 22.83 1.81 17.06
C ASP A 392 23.00 0.63 18.02
N ASP A 393 21.91 -0.11 18.26
CA ASP A 393 22.07 -1.39 18.96
C ASP A 393 21.44 -2.57 18.21
N ILE A 394 22.15 -3.67 18.22
CA ILE A 394 21.68 -4.95 17.68
C ILE A 394 21.21 -5.80 18.85
N VAL A 395 19.96 -6.23 18.79
CA VAL A 395 19.29 -6.85 19.92
C VAL A 395 19.77 -8.28 20.12
N ASP A 396 19.97 -9.03 19.04
CA ASP A 396 20.11 -10.49 19.14
C ASP A 396 21.24 -11.00 18.28
N PHE A 397 22.37 -10.30 18.24
CA PHE A 397 23.43 -10.79 17.38
C PHE A 397 23.89 -12.16 17.83
N THR A 398 24.04 -13.07 16.88
CA THR A 398 24.28 -14.50 17.16
C THR A 398 25.60 -14.90 16.53
N PRO A 399 26.69 -14.99 17.32
CA PRO A 399 28.00 -15.26 16.72
C PRO A 399 27.98 -16.62 16.04
N GLY A 400 28.66 -16.71 14.90
CA GLY A 400 28.67 -17.89 14.08
C GLY A 400 27.61 -17.95 13.00
N ALA A 401 26.47 -17.25 13.19
CA ALA A 401 25.39 -17.19 12.21
C ALA A 401 25.25 -15.81 11.57
N ASP A 402 25.07 -14.78 12.39
CA ASP A 402 24.90 -13.45 11.85
C ASP A 402 26.26 -12.86 11.42
N LEU A 403 26.18 -11.72 10.72
CA LEU A 403 27.35 -11.01 10.23
C LEU A 403 27.16 -9.51 10.42
N ILE A 404 28.21 -8.83 10.85
CA ILE A 404 28.28 -7.37 10.83
C ILE A 404 29.03 -6.94 9.58
N ASP A 405 28.37 -6.21 8.70
CA ASP A 405 28.99 -5.81 7.44
C ASP A 405 29.54 -4.40 7.62
N LEU A 406 30.84 -4.30 7.83
CA LEU A 406 31.55 -3.04 7.91
C LEU A 406 32.40 -2.80 6.67
N SER A 407 32.11 -3.51 5.58
CA SER A 407 33.04 -3.63 4.46
C SER A 407 33.29 -2.29 3.77
N GLY A 408 32.39 -1.32 3.89
CA GLY A 408 32.68 -0.01 3.33
C GLY A 408 33.37 0.97 4.26
N LEU A 409 33.70 0.57 5.50
CA LEU A 409 34.08 1.57 6.51
C LEU A 409 35.58 1.77 6.60
N GLY A 410 36.39 0.87 6.05
CA GLY A 410 37.83 1.08 6.07
C GLY A 410 38.56 0.74 7.35
N TYR A 411 38.00 -0.15 8.18
CA TYR A 411 38.70 -0.73 9.31
C TYR A 411 39.33 -2.05 8.90
N SER A 412 40.50 -2.34 9.50
CA SER A 412 41.33 -3.47 9.14
C SER A 412 40.98 -4.73 9.91
N GLY A 413 40.44 -4.60 11.11
CA GLY A 413 40.17 -5.75 11.93
C GLY A 413 39.92 -5.34 13.36
N LEU A 414 39.76 -6.35 14.20
CA LEU A 414 39.65 -6.14 15.63
C LEU A 414 41.02 -5.80 16.21
N GLY A 415 41.03 -5.01 17.29
CA GLY A 415 42.29 -4.66 17.92
C GLY A 415 42.06 -3.78 19.15
N ASP A 416 42.96 -2.82 19.39
CA ASP A 416 42.91 -1.96 20.58
C ASP A 416 42.03 -0.74 20.33
N GLY A 417 41.45 -0.60 19.12
CA GLY A 417 40.57 0.50 18.81
C GLY A 417 41.23 1.71 18.18
N TYR A 418 42.53 1.65 17.94
CA TYR A 418 43.26 2.71 17.27
C TYR A 418 43.83 2.20 15.95
N ASN A 419 44.33 3.13 15.14
CA ASN A 419 45.06 2.82 13.91
C ASN A 419 44.20 2.06 12.90
N GLY A 420 42.88 2.26 12.93
CA GLY A 420 42.01 1.54 12.01
C GLY A 420 41.51 0.21 12.51
N THR A 421 41.80 -0.15 13.76
CA THR A 421 41.16 -1.31 14.38
C THR A 421 39.96 -0.88 15.20
N LEU A 422 39.08 -1.83 15.47
CA LEU A 422 37.93 -1.62 16.35
C LEU A 422 38.15 -2.36 17.65
N ALA A 423 37.85 -1.71 18.78
CA ALA A 423 37.97 -2.35 20.08
C ALA A 423 36.65 -3.01 20.47
N LEU A 424 36.74 -4.22 21.03
CA LEU A 424 35.57 -4.94 21.56
C LEU A 424 35.54 -4.77 23.07
N LEU A 425 34.49 -4.15 23.59
CA LEU A 425 34.42 -3.74 24.99
C LEU A 425 33.10 -4.19 25.57
N LEU A 426 33.05 -4.31 26.89
CA LEU A 426 31.83 -4.62 27.61
C LEU A 426 31.54 -3.42 28.51
N ASN A 427 30.28 -2.99 28.61
CA ASN A 427 29.99 -1.91 29.56
C ASN A 427 30.02 -2.45 30.99
N GLU A 428 29.85 -1.56 31.98
CA GLU A 428 30.22 -1.90 33.36
C GLU A 428 29.39 -3.06 33.93
N ASP A 429 28.07 -3.04 33.69
CA ASP A 429 27.16 -4.05 34.22
C ASP A 429 27.02 -5.25 33.30
N GLY A 430 27.88 -5.35 32.28
CA GLY A 430 27.85 -6.48 31.38
C GLY A 430 26.52 -6.66 30.69
N THR A 431 25.84 -5.58 30.34
CA THR A 431 24.59 -5.69 29.60
C THR A 431 24.73 -5.35 28.11
N LYS A 432 25.83 -4.71 27.72
CA LYS A 432 26.05 -4.34 26.32
C LYS A 432 27.52 -4.52 25.99
N THR A 433 27.76 -5.00 24.77
CA THR A 433 29.10 -5.15 24.22
C THR A 433 29.23 -4.16 23.06
N TYR A 434 30.32 -3.41 23.01
CA TYR A 434 30.50 -2.36 22.02
C TYR A 434 31.64 -2.75 21.09
N LEU A 435 31.48 -2.42 19.82
CA LEU A 435 32.60 -2.28 18.90
C LEU A 435 32.85 -0.79 18.79
N LYS A 436 34.10 -0.37 18.98
CA LYS A 436 34.37 1.06 19.09
C LYS A 436 35.63 1.42 18.35
N ASP A 437 35.57 2.54 17.66
CA ASP A 437 36.75 3.20 17.13
C ASP A 437 37.18 4.25 18.17
N ARG A 438 38.34 4.07 18.78
CA ARG A 438 38.75 4.99 19.88
C ARG A 438 39.34 6.28 19.30
N GLN A 439 39.55 6.32 17.99
CA GLN A 439 40.05 7.55 17.36
C GLN A 439 38.89 8.46 16.96
N ALA A 440 38.81 9.63 17.57
CA ALA A 440 37.81 10.61 17.17
C ALA A 440 38.07 11.15 15.77
N ASP A 441 37.00 11.36 14.99
CA ASP A 441 37.21 12.05 13.72
C ASP A 441 37.31 13.55 14.01
N ALA A 442 37.41 14.38 12.94
CA ALA A 442 37.63 15.82 13.14
C ALA A 442 36.48 16.51 13.88
N GLN A 443 35.24 15.97 13.83
CA GLN A 443 34.11 16.53 14.56
C GLN A 443 33.99 15.97 15.98
N GLY A 444 34.88 15.07 16.38
CA GLY A 444 34.81 14.51 17.71
C GLY A 444 34.00 13.24 17.84
N ASN A 445 33.57 12.70 16.70
CA ASN A 445 32.70 11.50 16.70
C ASN A 445 33.50 10.19 16.67
N HIS A 446 32.98 9.16 17.33
CA HIS A 446 33.58 7.83 17.33
C HIS A 446 32.59 6.86 16.74
N PHE A 447 32.97 6.19 15.66
CA PHE A 447 32.14 5.09 15.16
C PHE A 447 31.97 4.06 16.28
N GLU A 448 30.73 3.71 16.57
CA GLU A 448 30.48 2.78 17.67
C GLU A 448 29.18 2.03 17.40
N ILE A 449 29.21 0.72 17.66
CA ILE A 449 28.00 -0.11 17.65
C ILE A 449 27.84 -0.82 18.99
N ALA A 450 26.58 -0.91 19.48
CA ALA A 450 26.26 -1.73 20.65
C ALA A 450 25.62 -3.03 20.23
N LEU A 451 26.10 -4.14 20.79
CA LEU A 451 25.44 -5.43 20.75
C LEU A 451 24.87 -5.72 22.13
N ASP A 452 23.55 -5.82 22.21
CA ASP A 452 22.89 -6.09 23.47
C ASP A 452 23.33 -7.45 23.98
N GLY A 453 23.75 -7.49 25.24
CA GLY A 453 24.23 -8.70 25.85
C GLY A 453 25.74 -8.67 26.00
N ASN A 454 26.25 -9.82 26.40
CA ASN A 454 27.67 -10.02 26.64
C ASN A 454 28.20 -10.93 25.56
N LEU A 455 28.94 -10.36 24.61
CA LEU A 455 29.55 -11.16 23.55
C LEU A 455 31.05 -10.95 23.47
N VAL A 456 31.69 -10.39 24.52
CA VAL A 456 33.12 -10.12 24.46
C VAL A 456 33.93 -11.38 24.22
N ASP A 457 33.45 -12.54 24.70
CA ASP A 457 34.14 -13.80 24.47
C ASP A 457 33.58 -14.61 23.32
N SER A 458 32.29 -14.47 23.01
CA SER A 458 31.74 -15.28 21.92
C SER A 458 32.06 -14.70 20.54
N LEU A 459 32.20 -13.39 20.44
CA LEU A 459 32.31 -12.81 19.11
C LEU A 459 33.74 -12.98 18.61
N SER A 460 33.88 -13.16 17.29
CA SER A 460 35.20 -13.38 16.72
C SER A 460 35.29 -12.69 15.35
N ALA A 461 36.51 -12.70 14.80
CA ALA A 461 36.80 -11.96 13.57
C ALA A 461 35.90 -12.38 12.40
N THR A 462 35.52 -13.66 12.31
CA THR A 462 34.68 -14.12 11.20
C THR A 462 33.23 -13.69 11.35
N ASP A 463 32.88 -12.99 12.43
CA ASP A 463 31.55 -12.40 12.55
C ASP A 463 31.45 -11.00 11.93
N ILE A 464 32.56 -10.43 11.49
CA ILE A 464 32.58 -9.08 10.95
C ILE A 464 33.23 -9.14 9.58
N ALA A 465 32.59 -8.54 8.58
CA ALA A 465 33.25 -8.33 7.30
C ALA A 465 33.89 -6.94 7.31
N PHE A 466 35.22 -6.88 7.25
CA PHE A 466 35.93 -5.59 7.28
C PHE A 466 36.27 -5.05 5.89
N ASP A 467 36.14 -5.86 4.83
CA ASP A 467 36.37 -5.39 3.47
C ASP A 467 35.50 -6.21 2.49
N ALA A 468 35.50 -5.80 1.21
CA ALA A 468 34.64 -6.46 0.23
C ALA A 468 35.00 -7.93 0.02
N THR A 469 36.28 -8.29 0.15
CA THR A 469 36.67 -9.69 0.04
C THR A 469 36.05 -10.51 1.15
N GLN A 470 36.13 -10.02 2.38
CA GLN A 470 35.51 -10.72 3.48
C GLN A 470 34.01 -10.78 3.30
N LEU A 471 33.39 -9.70 2.82
CA LEU A 471 31.95 -9.74 2.63
C LEU A 471 31.55 -10.82 1.62
N GLU A 472 32.29 -10.93 0.51
CA GLU A 472 32.00 -12.01 -0.44
C GLU A 472 32.14 -13.36 0.23
N LEU A 473 33.17 -13.55 1.05
CA LEU A 473 33.33 -14.84 1.72
C LEU A 473 32.21 -15.09 2.73
N LEU A 474 31.83 -14.08 3.51
CA LEU A 474 30.98 -14.30 4.68
C LEU A 474 29.54 -13.86 4.51
N GLY A 475 29.19 -13.17 3.43
CA GLY A 475 27.87 -12.55 3.39
C GLY A 475 26.77 -13.58 3.56
N THR A 476 25.74 -13.25 4.35
CA THR A 476 24.73 -14.25 4.64
C THR A 476 23.50 -14.19 3.74
N THR A 477 23.41 -13.21 2.84
CA THR A 477 22.19 -13.02 2.10
C THR A 477 22.49 -12.97 0.62
N ASP A 478 21.43 -13.10 -0.18
CA ASP A 478 21.43 -12.84 -1.60
C ASP A 478 21.23 -11.37 -1.99
N LEU A 479 21.13 -10.46 -1.04
CA LEU A 479 20.56 -9.15 -1.33
C LEU A 479 21.60 -8.04 -1.53
N GLN A 480 22.89 -8.38 -1.56
CA GLN A 480 23.94 -7.37 -1.79
C GLN A 480 24.61 -7.50 -3.18
#